data_4N4U
#
_entry.id   4N4U
#
_cell.length_a   59.568
_cell.length_b   68.532
_cell.length_c   153.008
_cell.angle_alpha   90.00
_cell.angle_beta   90.00
_cell.angle_gamma   90.00
#
_symmetry.space_group_name_H-M   'P 21 21 21'
#
loop_
_entity.id
_entity.type
_entity.pdbx_description
1 polymer 'Putative ABC transporter periplasmic solute-binding protein'
2 non-polymer GLYCEROL
3 water water
#
_entity_poly.entity_id   1
_entity_poly.type   'polypeptide(L)'
_entity_poly.pdbx_seq_one_letter_code
;MHHHHHHSSGVDLGTENLYFQSMATWMAYTFGPSENLANVQGMKRVMEDIEKNTGGEVKFRLRLAGSLPIQATDITQAVG
NGTVRFADDGFYLGNVRIAGILRLPMLLRSQEDFDKAYAIMKPYVERDFGKQGVVVLGHFSFPHQVIFSARKLESLADIK
GQKLRVSSPEQAAFVQRAGGIPVTLGGAEVPSALSAGTIDGALTASAGGGKIWGDMLKYNLRLPVNYFDGFYLVNKKAFE
ALSPEMQAKMRESVARQAPGTTAQIAKEEGEVTDALRQKGMVIVPSTPAMEQAATDLVSGYWEDWAREQGPEAVQALAEV
RKALGR
;
_entity_poly.pdbx_strand_id   A,B
#
loop_
_chem_comp.id
_chem_comp.type
_chem_comp.name
_chem_comp.formula
GOL non-polymer GLYCEROL 'C3 H8 O3'
#
# COMPACT_ATOMS: atom_id res chain seq x y z
N MET A 23 -22.27 -30.66 -25.88
CA MET A 23 -21.55 -30.98 -27.12
C MET A 23 -20.17 -30.33 -27.36
N ALA A 24 -19.78 -29.29 -26.63
CA ALA A 24 -18.37 -28.85 -26.56
C ALA A 24 -17.94 -28.19 -25.25
N THR A 25 -16.67 -28.42 -24.82
CA THR A 25 -16.04 -27.69 -23.71
C THR A 25 -14.93 -26.81 -24.21
N TRP A 26 -15.12 -25.52 -24.03
CA TRP A 26 -14.25 -24.52 -24.59
C TRP A 26 -13.29 -24.03 -23.54
N MET A 27 -12.03 -23.83 -23.94
CA MET A 27 -11.03 -23.20 -23.10
C MET A 27 -11.31 -21.72 -22.97
N ALA A 28 -11.30 -21.20 -21.73
CA ALA A 28 -11.50 -19.80 -21.47
C ALA A 28 -10.31 -19.30 -20.66
N TYR A 29 -10.00 -18.01 -20.85
CA TYR A 29 -8.88 -17.36 -20.19
C TYR A 29 -9.29 -15.97 -19.73
N THR A 30 -8.61 -15.45 -18.72
CA THR A 30 -8.90 -14.11 -18.22
C THR A 30 -7.60 -13.45 -17.82
N PHE A 31 -7.55 -12.14 -17.96
CA PHE A 31 -6.38 -11.33 -17.53
C PHE A 31 -6.32 -11.20 -15.99
N GLY A 32 -7.38 -11.59 -15.29
CA GLY A 32 -7.35 -11.67 -13.82
C GLY A 32 -6.59 -12.89 -13.29
N PRO A 33 -5.61 -12.66 -12.39
CA PRO A 33 -4.80 -13.74 -11.83
C PRO A 33 -5.39 -14.54 -10.66
N SER A 34 -6.47 -14.06 -10.03
CA SER A 34 -7.06 -14.84 -8.95
C SER A 34 -8.56 -14.74 -8.88
N GLU A 35 -9.15 -15.69 -8.18
CA GLU A 35 -10.59 -15.89 -8.12
C GLU A 35 -11.34 -14.82 -7.34
N ASN A 36 -10.66 -14.10 -6.44
CA ASN A 36 -11.33 -13.03 -5.68
C ASN A 36 -11.68 -11.77 -6.48
N LEU A 37 -11.11 -11.63 -7.67
CA LEU A 37 -11.26 -10.41 -8.42
C LEU A 37 -12.66 -10.35 -9.03
N ALA A 38 -13.23 -9.14 -9.02
CA ALA A 38 -14.60 -8.91 -9.47
C ALA A 38 -14.70 -9.18 -10.95
N ASN A 39 -13.63 -8.90 -11.71
CA ASN A 39 -13.68 -9.24 -13.16
C ASN A 39 -13.75 -10.76 -13.38
N VAL A 40 -13.04 -11.53 -12.55
CA VAL A 40 -13.05 -12.97 -12.66
C VAL A 40 -14.41 -13.55 -12.25
N GLN A 41 -14.99 -13.00 -11.19
CA GLN A 41 -16.32 -13.41 -10.74
C GLN A 41 -17.34 -13.12 -11.82
N GLY A 42 -17.17 -11.98 -12.45
CA GLY A 42 -18.04 -11.58 -13.55
C GLY A 42 -17.89 -12.49 -14.74
N MET A 43 -16.65 -12.81 -15.10
CA MET A 43 -16.39 -13.82 -16.12
C MET A 43 -17.11 -15.15 -15.83
N LYS A 44 -17.04 -15.63 -14.58
CA LYS A 44 -17.74 -16.83 -14.20
C LYS A 44 -19.25 -16.73 -14.39
N ARG A 45 -19.81 -15.59 -14.04
CA ARG A 45 -21.24 -15.36 -14.24
C ARG A 45 -21.61 -15.39 -15.71
N VAL A 46 -20.79 -14.77 -16.54
CA VAL A 46 -21.01 -14.80 -18.01
C VAL A 46 -21.00 -16.25 -18.51
N MET A 47 -20.01 -17.04 -18.10
CA MET A 47 -19.85 -18.41 -18.56
C MET A 47 -21.00 -19.30 -18.05
N GLU A 48 -21.39 -19.12 -16.80
CA GLU A 48 -22.54 -19.82 -16.25
C GLU A 48 -23.83 -19.56 -17.02
N ASP A 49 -24.06 -18.30 -17.35
CA ASP A 49 -25.24 -17.95 -18.12
C ASP A 49 -25.18 -18.62 -19.50
N ILE A 50 -24.05 -18.50 -20.19
CA ILE A 50 -23.90 -19.17 -21.49
C ILE A 50 -24.22 -20.68 -21.42
N GLU A 51 -23.67 -21.35 -20.41
CA GLU A 51 -23.87 -22.78 -20.23
C GLU A 51 -25.34 -23.15 -20.03
N LYS A 52 -26.01 -22.43 -19.14
CA LYS A 52 -27.45 -22.63 -18.93
C LYS A 52 -28.27 -22.30 -20.18
N ASN A 53 -27.99 -21.15 -20.78
CA ASN A 53 -28.78 -20.66 -21.91
C ASN A 53 -28.64 -21.52 -23.18
N THR A 54 -27.48 -22.16 -23.35
CA THR A 54 -27.25 -23.08 -24.44
C THR A 54 -27.66 -24.52 -24.10
N GLY A 55 -28.24 -24.75 -22.93
CA GLY A 55 -28.65 -26.10 -22.49
C GLY A 55 -27.49 -27.07 -22.37
N GLY A 56 -26.35 -26.52 -21.96
CA GLY A 56 -25.09 -27.24 -21.88
C GLY A 56 -24.34 -27.51 -23.16
N GLU A 57 -24.78 -26.97 -24.29
CA GLU A 57 -24.11 -27.20 -25.59
CA GLU A 57 -24.09 -27.23 -25.57
C GLU A 57 -22.71 -26.57 -25.57
N VAL A 58 -22.58 -25.43 -24.90
CA VAL A 58 -21.29 -24.74 -24.78
C VAL A 58 -20.96 -24.65 -23.30
N LYS A 59 -19.91 -25.38 -22.89
CA LYS A 59 -19.40 -25.37 -21.52
C LYS A 59 -17.99 -24.81 -21.55
N PHE A 60 -17.52 -24.33 -20.41
CA PHE A 60 -16.21 -23.71 -20.31
C PHE A 60 -15.32 -24.31 -19.25
N ARG A 61 -14.02 -24.23 -19.53
CA ARG A 61 -13.00 -24.47 -18.52
C ARG A 61 -12.19 -23.16 -18.45
N LEU A 62 -12.27 -22.47 -17.31
CA LEU A 62 -11.52 -21.25 -17.11
C LEU A 62 -10.12 -21.42 -16.52
N ARG A 63 -9.16 -20.75 -17.15
CA ARG A 63 -7.81 -20.63 -16.63
C ARG A 63 -7.50 -19.17 -16.31
N LEU A 64 -6.86 -18.94 -15.17
CA LEU A 64 -6.54 -17.59 -14.74
C LEU A 64 -5.21 -17.12 -15.31
N ALA A 65 -5.00 -15.81 -15.26
CA ALA A 65 -3.85 -15.18 -15.89
C ALA A 65 -2.61 -15.84 -15.32
N GLY A 66 -1.69 -16.21 -16.20
CA GLY A 66 -0.44 -16.88 -15.78
C GLY A 66 -0.47 -18.39 -15.79
N SER A 67 -1.64 -19.00 -15.66
CA SER A 67 -1.76 -20.46 -15.67
CA SER A 67 -1.77 -20.47 -15.66
C SER A 67 -1.55 -21.04 -17.06
N LEU A 68 -1.54 -20.18 -18.07
CA LEU A 68 -1.17 -20.59 -19.44
C LEU A 68 -0.08 -19.63 -19.91
N PRO A 69 0.79 -20.07 -20.82
CA PRO A 69 1.90 -19.20 -21.20
C PRO A 69 1.46 -18.13 -22.19
N ILE A 70 0.50 -17.30 -21.76
CA ILE A 70 -0.06 -16.20 -22.53
C ILE A 70 0.17 -14.93 -21.72
N GLN A 71 0.99 -14.01 -22.24
CA GLN A 71 1.12 -12.67 -21.64
C GLN A 71 -0.18 -11.88 -21.83
N ALA A 72 -0.51 -10.98 -20.89
CA ALA A 72 -1.80 -10.24 -20.92
C ALA A 72 -2.04 -9.49 -22.23
N THR A 73 -0.98 -8.91 -22.79
CA THR A 73 -1.12 -8.18 -24.05
C THR A 73 -1.28 -9.10 -25.28
N ASP A 74 -1.20 -10.42 -25.07
CA ASP A 74 -1.34 -11.41 -26.15
C ASP A 74 -2.67 -12.21 -26.07
N ILE A 75 -3.63 -11.75 -25.27
CA ILE A 75 -4.93 -12.47 -25.18
C ILE A 75 -5.71 -12.42 -26.50
N THR A 76 -5.76 -11.25 -27.12
CA THR A 76 -6.47 -11.14 -28.39
C THR A 76 -5.89 -12.11 -29.43
N GLN A 77 -4.57 -12.22 -29.50
CA GLN A 77 -3.98 -13.16 -30.45
CA GLN A 77 -3.87 -13.19 -30.36
C GLN A 77 -4.26 -14.64 -30.06
N ALA A 78 -4.28 -14.98 -28.77
CA ALA A 78 -4.61 -16.32 -28.30
C ALA A 78 -6.06 -16.69 -28.63
N VAL A 79 -6.97 -15.72 -28.53
CA VAL A 79 -8.38 -15.96 -28.86
C VAL A 79 -8.48 -16.12 -30.38
N GLY A 80 -7.79 -15.25 -31.09
CA GLY A 80 -7.86 -15.22 -32.55
C GLY A 80 -7.35 -16.49 -33.22
N ASN A 81 -6.35 -17.13 -32.62
CA ASN A 81 -5.82 -18.39 -33.18
C ASN A 81 -6.41 -19.67 -32.55
N GLY A 82 -7.31 -19.51 -31.58
CA GLY A 82 -7.99 -20.63 -30.96
C GLY A 82 -7.27 -21.37 -29.87
N THR A 83 -6.13 -20.85 -29.43
CA THR A 83 -5.46 -21.42 -28.26
C THR A 83 -6.44 -21.41 -27.10
N VAL A 84 -7.19 -20.33 -26.99
CA VAL A 84 -8.37 -20.30 -26.13
C VAL A 84 -9.53 -19.87 -26.99
N ARG A 85 -10.74 -20.21 -26.59
CA ARG A 85 -11.90 -19.85 -27.40
C ARG A 85 -12.67 -18.64 -26.91
N PHE A 86 -12.54 -18.30 -25.63
CA PHE A 86 -13.27 -17.22 -25.03
C PHE A 86 -12.44 -16.58 -23.91
N ALA A 87 -12.46 -15.27 -23.85
CA ALA A 87 -11.64 -14.56 -22.85
C ALA A 87 -12.17 -13.19 -22.55
N ASP A 88 -11.80 -12.63 -21.39
CA ASP A 88 -11.86 -11.17 -21.27
C ASP A 88 -10.48 -10.60 -21.49
N ASP A 89 -10.43 -9.37 -22.00
CA ASP A 89 -9.16 -8.75 -22.32
C ASP A 89 -9.25 -7.23 -22.12
N GLY A 90 -8.34 -6.73 -21.29
CA GLY A 90 -8.22 -5.32 -21.07
C GLY A 90 -6.95 -4.73 -21.67
N PHE A 91 -6.27 -5.50 -22.49
CA PHE A 91 -4.95 -5.11 -23.04
C PHE A 91 -4.93 -5.28 -24.55
N TYR A 92 -6.08 -4.99 -25.14
CA TYR A 92 -6.37 -5.20 -26.57
C TYR A 92 -5.88 -4.05 -27.45
N LEU A 93 -5.39 -2.96 -26.85
CA LEU A 93 -5.11 -1.75 -27.67
C LEU A 93 -3.94 -1.96 -28.61
N GLY A 94 -3.04 -2.87 -28.29
CA GLY A 94 -1.92 -3.18 -29.16
C GLY A 94 -2.38 -3.76 -30.49
N ASN A 95 -3.43 -4.58 -30.44
CA ASN A 95 -3.99 -5.22 -31.64
C ASN A 95 -5.10 -4.43 -32.31
N VAL A 96 -5.82 -3.62 -31.54
CA VAL A 96 -6.94 -2.84 -32.06
C VAL A 96 -6.69 -1.37 -31.68
N ARG A 97 -5.75 -0.79 -32.40
CA ARG A 97 -5.28 0.56 -32.12
C ARG A 97 -6.39 1.63 -32.13
N ILE A 98 -7.36 1.50 -33.05
CA ILE A 98 -8.34 2.58 -33.18
C ILE A 98 -9.26 2.65 -31.96
N ALA A 99 -9.35 1.58 -31.18
CA ALA A 99 -10.11 1.60 -29.94
C ALA A 99 -9.52 2.54 -28.87
N GLY A 100 -8.30 3.03 -29.07
CA GLY A 100 -7.65 3.87 -28.05
C GLY A 100 -8.40 5.17 -27.81
N ILE A 101 -9.26 5.57 -28.75
CA ILE A 101 -10.15 6.73 -28.55
C ILE A 101 -10.93 6.60 -27.24
N LEU A 102 -11.32 5.37 -26.90
CA LEU A 102 -12.15 5.08 -25.75
C LEU A 102 -11.42 5.23 -24.42
N ARG A 103 -10.12 5.52 -24.47
CA ARG A 103 -9.34 5.75 -23.24
C ARG A 103 -8.64 7.11 -23.24
N LEU A 104 -9.01 8.02 -24.15
CA LEU A 104 -8.34 9.31 -24.19
C LEU A 104 -8.72 10.09 -22.92
N PRO A 105 -7.73 10.80 -22.33
CA PRO A 105 -7.98 11.42 -21.01
C PRO A 105 -9.07 12.50 -21.06
N MET A 106 -9.97 12.42 -20.10
CA MET A 106 -11.12 13.33 -19.93
C MET A 106 -12.24 13.15 -20.93
N LEU A 107 -12.11 12.25 -21.88
CA LEU A 107 -13.11 12.19 -22.95
C LEU A 107 -14.45 11.57 -22.50
N LEU A 108 -14.39 10.47 -21.77
CA LEU A 108 -15.60 9.77 -21.34
C LEU A 108 -15.85 9.95 -19.86
N ARG A 109 -17.05 10.37 -19.49
CA ARG A 109 -17.38 10.65 -18.07
C ARG A 109 -18.37 9.67 -17.46
N SER A 110 -18.88 8.75 -18.26
CA SER A 110 -19.97 7.90 -17.85
C SER A 110 -20.07 6.75 -18.81
N GLN A 111 -20.78 5.71 -18.40
CA GLN A 111 -21.07 4.63 -19.34
C GLN A 111 -22.01 5.07 -20.47
N GLU A 112 -22.85 6.08 -20.26
CA GLU A 112 -23.65 6.64 -21.34
C GLU A 112 -22.72 7.28 -22.41
N ASP A 113 -21.68 7.97 -21.93
CA ASP A 113 -20.66 8.47 -22.86
C ASP A 113 -19.99 7.30 -23.58
N PHE A 114 -19.63 6.24 -22.86
CA PHE A 114 -19.04 5.10 -23.53
C PHE A 114 -19.97 4.58 -24.62
N ASP A 115 -21.24 4.41 -24.29
CA ASP A 115 -22.20 3.87 -25.25
C ASP A 115 -22.28 4.75 -26.52
N LYS A 116 -22.30 6.06 -26.33
CA LYS A 116 -22.34 6.97 -27.46
C LYS A 116 -21.09 6.83 -28.32
N ALA A 117 -19.93 6.75 -27.66
CA ALA A 117 -18.68 6.64 -28.38
C ALA A 117 -18.60 5.29 -29.06
N TYR A 118 -19.01 4.22 -28.36
CA TYR A 118 -18.88 2.91 -28.94
C TYR A 118 -19.84 2.68 -30.12
N ALA A 119 -21.00 3.36 -30.14
CA ALA A 119 -21.88 3.28 -31.32
C ALA A 119 -21.13 3.71 -32.58
N ILE A 120 -20.24 4.68 -32.44
CA ILE A 120 -19.40 5.17 -33.51
C ILE A 120 -18.20 4.23 -33.77
N MET A 121 -17.55 3.77 -32.70
CA MET A 121 -16.33 2.99 -32.82
C MET A 121 -16.60 1.55 -33.26
N LYS A 122 -17.77 1.02 -32.92
CA LYS A 122 -18.09 -0.41 -33.09
C LYS A 122 -17.71 -0.98 -34.48
N PRO A 123 -18.08 -0.32 -35.58
CA PRO A 123 -17.74 -0.98 -36.88
C PRO A 123 -16.23 -1.13 -37.11
N TYR A 124 -15.43 -0.15 -36.66
CA TYR A 124 -13.98 -0.18 -36.82
C TYR A 124 -13.40 -1.27 -35.92
N VAL A 125 -13.90 -1.29 -34.69
CA VAL A 125 -13.42 -2.24 -33.68
C VAL A 125 -13.77 -3.68 -34.04
N GLU A 126 -15.03 -3.92 -34.43
CA GLU A 126 -15.41 -5.26 -34.87
C GLU A 126 -14.65 -5.65 -36.13
N ARG A 127 -14.46 -4.72 -37.06
CA ARG A 127 -13.70 -5.06 -38.27
C ARG A 127 -12.29 -5.52 -37.90
N ASP A 128 -11.59 -4.76 -37.07
CA ASP A 128 -10.20 -5.06 -36.78
C ASP A 128 -10.00 -6.28 -35.88
N PHE A 129 -10.88 -6.50 -34.90
CA PHE A 129 -10.85 -7.79 -34.20
C PHE A 129 -11.14 -8.92 -35.18
N GLY A 130 -12.09 -8.73 -36.10
CA GLY A 130 -12.50 -9.78 -37.03
C GLY A 130 -11.38 -10.18 -37.97
N LYS A 131 -10.58 -9.21 -38.42
CA LYS A 131 -9.44 -9.51 -39.28
C LYS A 131 -8.39 -10.35 -38.56
N GLN A 132 -8.47 -10.34 -37.23
CA GLN A 132 -7.55 -11.07 -36.40
C GLN A 132 -8.18 -12.30 -35.77
N GLY A 133 -9.30 -12.75 -36.32
CA GLY A 133 -9.94 -13.98 -35.90
C GLY A 133 -10.79 -13.94 -34.64
N VAL A 134 -11.25 -12.74 -34.26
CA VAL A 134 -11.97 -12.52 -33.00
C VAL A 134 -13.32 -11.81 -33.24
N VAL A 135 -14.36 -12.27 -32.53
CA VAL A 135 -15.67 -11.62 -32.48
C VAL A 135 -15.86 -11.02 -31.09
N VAL A 136 -16.41 -9.83 -31.04
CA VAL A 136 -16.67 -9.10 -29.79
C VAL A 136 -18.07 -9.43 -29.31
N LEU A 137 -18.20 -9.99 -28.12
CA LEU A 137 -19.53 -10.31 -27.55
C LEU A 137 -20.02 -9.34 -26.48
N GLY A 138 -19.12 -8.54 -25.91
CA GLY A 138 -19.56 -7.57 -24.89
C GLY A 138 -18.41 -6.77 -24.35
N HIS A 139 -18.76 -5.86 -23.43
CA HIS A 139 -17.82 -4.93 -22.86
C HIS A 139 -18.18 -4.75 -21.38
N PHE A 140 -17.18 -4.50 -20.55
CA PHE A 140 -17.40 -4.02 -19.20
C PHE A 140 -16.35 -2.97 -18.91
N SER A 141 -16.55 -2.23 -17.81
CA SER A 141 -15.61 -1.20 -17.43
C SER A 141 -15.22 -1.29 -15.96
N PHE A 142 -13.97 -0.95 -15.70
CA PHE A 142 -13.56 -0.55 -14.34
C PHE A 142 -13.94 0.91 -14.10
N PRO A 143 -13.86 1.40 -12.85
CA PRO A 143 -14.16 2.82 -12.74
C PRO A 143 -13.03 3.65 -13.33
N HIS A 144 -13.25 4.96 -13.31
CA HIS A 144 -12.21 5.84 -13.75
C HIS A 144 -10.98 5.71 -12.94
N GLN A 145 -9.87 5.79 -13.64
CA GLN A 145 -8.57 6.01 -13.02
C GLN A 145 -8.56 7.48 -12.55
N VAL A 146 -8.27 7.64 -11.28
CA VAL A 146 -8.24 8.93 -10.60
C VAL A 146 -6.82 9.16 -10.05
N ILE A 147 -6.60 10.24 -9.29
CA ILE A 147 -5.24 10.61 -8.91
C ILE A 147 -5.07 10.47 -7.38
N PHE A 148 -4.03 9.73 -6.96
CA PHE A 148 -3.69 9.65 -5.55
C PHE A 148 -2.29 10.23 -5.36
N SER A 149 -2.04 10.82 -4.22
CA SER A 149 -0.68 11.30 -3.93
C SER A 149 -0.38 11.29 -2.46
N ALA A 150 0.90 11.16 -2.15
CA ALA A 150 1.40 11.33 -0.80
C ALA A 150 1.55 12.80 -0.46
N ARG A 151 1.60 13.65 -1.49
CA ARG A 151 1.73 15.08 -1.38
C ARG A 151 0.35 15.67 -1.43
N LYS A 152 0.21 16.88 -0.89
CA LYS A 152 -1.05 17.62 -1.01
C LYS A 152 -1.57 17.68 -2.44
N LEU A 153 -2.81 17.25 -2.63
CA LEU A 153 -3.42 17.23 -3.95
C LEU A 153 -4.91 17.44 -3.82
N GLU A 154 -5.33 18.70 -3.93
CA GLU A 154 -6.72 19.06 -3.66
C GLU A 154 -7.31 19.86 -4.81
N SER A 155 -6.53 19.99 -5.88
CA SER A 155 -6.90 20.80 -7.02
C SER A 155 -6.00 20.49 -8.21
N LEU A 156 -6.39 20.97 -9.39
CA LEU A 156 -5.52 20.77 -10.55
C LEU A 156 -4.21 21.50 -10.38
N ALA A 157 -4.25 22.70 -9.82
CA ALA A 157 -3.02 23.48 -9.57
C ALA A 157 -1.99 22.67 -8.77
N ASP A 158 -2.45 21.84 -7.83
CA ASP A 158 -1.58 21.05 -6.99
C ASP A 158 -0.80 19.96 -7.72
N ILE A 159 -1.23 19.59 -8.94
CA ILE A 159 -0.50 18.60 -9.72
C ILE A 159 0.91 19.08 -10.15
N LYS A 160 1.06 20.39 -10.30
CA LYS A 160 2.27 20.98 -10.85
C LYS A 160 3.52 20.53 -10.06
N GLY A 161 4.48 19.95 -10.78
CA GLY A 161 5.73 19.47 -10.22
C GLY A 161 5.65 18.13 -9.53
N GLN A 162 4.48 17.50 -9.45
CA GLN A 162 4.39 16.20 -8.82
C GLN A 162 4.81 15.11 -9.78
N LYS A 163 5.54 14.14 -9.28
CA LYS A 163 5.89 12.95 -10.03
C LYS A 163 4.82 11.88 -9.84
N LEU A 164 4.09 11.57 -10.91
CA LEU A 164 2.91 10.71 -10.80
C LEU A 164 3.07 9.51 -11.70
N ARG A 165 2.98 8.32 -11.12
CA ARG A 165 2.99 7.13 -11.90
C ARG A 165 1.79 7.07 -12.84
N VAL A 166 2.07 6.69 -14.08
CA VAL A 166 1.04 6.52 -15.10
C VAL A 166 1.17 5.13 -15.71
N SER A 167 0.13 4.72 -16.41
CA SER A 167 0.04 3.36 -17.00
CA SER A 167 0.07 3.36 -16.99
C SER A 167 0.06 3.35 -18.51
N SER A 168 0.08 4.53 -19.14
CA SER A 168 -0.04 4.66 -20.61
C SER A 168 0.51 6.01 -21.08
N PRO A 169 0.86 6.12 -22.37
CA PRO A 169 1.31 7.41 -22.89
C PRO A 169 0.21 8.46 -22.86
N GLU A 170 -1.04 8.00 -22.92
CA GLU A 170 -2.17 8.92 -22.90
C GLU A 170 -2.31 9.56 -21.53
N GLN A 171 -2.16 8.76 -20.48
CA GLN A 171 -2.12 9.29 -19.11
C GLN A 171 -0.92 10.19 -18.91
N ALA A 172 0.23 9.79 -19.43
CA ALA A 172 1.43 10.64 -19.36
C ALA A 172 1.18 12.02 -19.97
N ALA A 173 0.48 12.03 -21.10
CA ALA A 173 0.20 13.30 -21.78
C ALA A 173 -0.68 14.22 -20.93
N PHE A 174 -1.71 13.66 -20.32
CA PHE A 174 -2.51 14.39 -19.35
C PHE A 174 -1.68 14.98 -18.20
N VAL A 175 -0.89 14.15 -17.54
CA VAL A 175 -0.11 14.60 -16.38
C VAL A 175 0.84 15.72 -16.81
N GLN A 176 1.51 15.51 -17.93
CA GLN A 176 2.47 16.52 -18.44
C GLN A 176 1.76 17.83 -18.73
N ARG A 177 0.60 17.69 -19.35
CA ARG A 177 -0.15 18.94 -19.54
CA ARG A 177 -0.16 18.94 -19.54
C ARG A 177 -0.74 19.85 -18.38
N ALA A 178 -0.87 18.95 -17.39
CA ALA A 178 -1.25 19.52 -16.08
C ALA A 178 -0.05 20.03 -15.28
N GLY A 179 1.16 19.96 -15.85
CA GLY A 179 2.36 20.46 -15.20
C GLY A 179 3.07 19.47 -14.30
N GLY A 180 2.54 18.24 -14.29
CA GLY A 180 3.20 17.15 -13.55
C GLY A 180 4.29 16.48 -14.35
N ILE A 181 4.95 15.53 -13.69
CA ILE A 181 6.02 14.75 -14.28
C ILE A 181 5.57 13.29 -14.30
N PRO A 182 5.18 12.78 -15.48
CA PRO A 182 4.71 11.41 -15.51
C PRO A 182 5.84 10.42 -15.38
N VAL A 183 5.59 9.33 -14.66
CA VAL A 183 6.57 8.30 -14.47
C VAL A 183 5.90 7.00 -14.88
N THR A 184 6.35 6.43 -15.97
CA THR A 184 5.65 5.26 -16.44
C THR A 184 6.21 4.14 -15.56
N LEU A 185 5.34 3.57 -14.74
CA LEU A 185 5.75 2.45 -13.87
C LEU A 185 4.64 1.44 -13.86
N GLY A 186 5.03 0.19 -13.70
CA GLY A 186 4.09 -0.90 -13.51
C GLY A 186 3.72 -0.89 -12.04
N GLY A 187 2.51 -1.35 -11.73
CA GLY A 187 2.06 -1.47 -10.33
C GLY A 187 3.07 -2.03 -9.34
N ALA A 188 3.90 -2.99 -9.73
CA ALA A 188 4.80 -3.65 -8.77
C ALA A 188 5.96 -2.79 -8.26
N GLU A 189 6.33 -1.75 -9.02
CA GLU A 189 7.47 -0.91 -8.66
C GLU A 189 7.03 0.27 -7.80
N VAL A 190 5.72 0.37 -7.57
CA VAL A 190 5.16 1.57 -6.96
C VAL A 190 5.53 1.73 -5.48
N PRO A 191 5.45 0.64 -4.66
CA PRO A 191 5.72 0.76 -3.24
C PRO A 191 7.11 1.26 -2.89
N SER A 192 8.14 0.68 -3.50
CA SER A 192 9.48 1.13 -3.26
C SER A 192 9.70 2.54 -3.88
N ALA A 193 9.01 2.86 -4.97
CA ALA A 193 9.13 4.18 -5.58
C ALA A 193 8.54 5.23 -4.62
N LEU A 194 7.41 4.91 -4.02
CA LEU A 194 6.82 5.82 -3.00
C LEU A 194 7.69 6.00 -1.77
N SER A 195 8.23 4.92 -1.21
CA SER A 195 9.06 4.99 -0.03
CA SER A 195 9.05 5.04 -0.02
C SER A 195 10.36 5.76 -0.30
N ALA A 196 10.87 5.65 -1.53
CA ALA A 196 12.14 6.32 -1.89
C ALA A 196 11.90 7.79 -2.29
N GLY A 197 10.64 8.11 -2.57
CA GLY A 197 10.24 9.45 -2.97
C GLY A 197 10.51 9.77 -4.42
N THR A 198 10.80 8.76 -5.25
CA THR A 198 11.00 8.97 -6.67
C THR A 198 9.70 9.17 -7.45
N ILE A 199 8.57 8.80 -6.84
CA ILE A 199 7.27 9.29 -7.24
C ILE A 199 6.57 9.80 -5.99
N ASP A 200 5.65 10.72 -6.23
CA ASP A 200 4.78 11.27 -5.23
C ASP A 200 3.44 10.56 -5.15
N GLY A 201 3.01 9.98 -6.26
CA GLY A 201 1.69 9.42 -6.35
C GLY A 201 1.47 8.64 -7.64
N ALA A 202 0.21 8.40 -7.94
CA ALA A 202 -0.14 7.49 -9.01
C ALA A 202 -1.57 7.70 -9.47
N LEU A 203 -1.77 7.45 -10.77
CA LEU A 203 -3.09 7.33 -11.31
C LEU A 203 -3.52 5.88 -11.15
N THR A 204 -4.64 5.66 -10.48
CA THR A 204 -5.11 4.33 -10.20
C THR A 204 -6.55 4.44 -9.68
N ALA A 205 -7.20 3.34 -9.39
CA ALA A 205 -8.52 3.35 -8.75
C ALA A 205 -8.39 3.01 -7.27
N SER A 206 -9.40 3.37 -6.46
CA SER A 206 -9.40 2.97 -5.06
C SER A 206 -9.24 1.47 -4.88
N ALA A 207 -10.01 0.72 -5.64
CA ALA A 207 -10.01 -0.73 -5.49
C ALA A 207 -8.82 -1.37 -6.20
N GLY A 208 -8.08 -0.58 -6.96
CA GLY A 208 -6.79 -1.01 -7.49
C GLY A 208 -5.65 -0.67 -6.54
N GLY A 209 -4.87 0.32 -6.91
CA GLY A 209 -3.71 0.67 -6.14
C GLY A 209 -4.06 1.38 -4.86
N GLY A 210 -5.20 2.04 -4.80
CA GLY A 210 -5.53 2.88 -3.64
C GLY A 210 -5.47 2.11 -2.36
N LYS A 211 -6.00 0.90 -2.40
CA LYS A 211 -6.13 0.09 -1.22
C LYS A 211 -4.76 -0.42 -0.83
N ILE A 212 -4.07 -1.07 -1.76
CA ILE A 212 -2.79 -1.69 -1.39
C ILE A 212 -1.66 -0.68 -1.11
N TRP A 213 -1.74 0.54 -1.64
CA TRP A 213 -0.73 1.58 -1.45
C TRP A 213 -1.23 2.64 -0.47
N GLY A 214 -2.42 2.42 0.12
CA GLY A 214 -3.14 3.39 0.92
C GLY A 214 -2.41 3.99 2.10
N ASP A 215 -1.52 3.23 2.73
CA ASP A 215 -0.72 3.77 3.84
C ASP A 215 0.42 4.67 3.40
N MET A 216 0.66 4.73 2.09
CA MET A 216 1.73 5.52 1.53
C MET A 216 1.14 6.72 0.73
N LEU A 217 -0.17 6.93 0.80
CA LEU A 217 -0.90 7.96 0.01
C LEU A 217 -1.80 8.71 1.01
N LYS A 218 -2.08 9.98 0.75
CA LYS A 218 -2.89 10.75 1.68
C LYS A 218 -4.00 11.57 1.01
N TYR A 219 -3.84 11.90 -0.27
CA TYR A 219 -4.79 12.73 -0.98
C TYR A 219 -5.28 12.00 -2.23
N ASN A 220 -6.59 12.11 -2.48
CA ASN A 220 -7.21 11.47 -3.64
C ASN A 220 -8.09 12.49 -4.34
N LEU A 221 -7.63 12.98 -5.49
CA LEU A 221 -8.40 13.90 -6.32
C LEU A 221 -9.14 13.03 -7.34
N ARG A 222 -10.46 12.95 -7.20
CA ARG A 222 -11.22 11.98 -7.99
C ARG A 222 -11.64 12.52 -9.34
N LEU A 223 -10.65 13.08 -10.02
CA LEU A 223 -10.81 13.57 -11.37
C LEU A 223 -10.92 12.34 -12.31
N PRO A 224 -11.98 12.24 -13.16
CA PRO A 224 -12.18 11.07 -14.03
C PRO A 224 -11.29 11.05 -15.26
N VAL A 225 -10.07 10.62 -15.08
CA VAL A 225 -9.06 10.75 -16.13
C VAL A 225 -9.37 9.81 -17.30
N ASN A 226 -9.56 8.51 -17.05
CA ASN A 226 -9.92 7.59 -18.13
C ASN A 226 -10.37 6.29 -17.52
N TYR A 227 -11.14 5.53 -18.28
CA TYR A 227 -11.49 4.19 -17.83
C TYR A 227 -10.40 3.18 -18.17
N PHE A 228 -10.30 2.15 -17.33
CA PHE A 228 -9.72 0.88 -17.73
C PHE A 228 -10.92 0.02 -18.00
N ASP A 229 -10.81 -0.90 -18.97
CA ASP A 229 -11.98 -1.63 -19.42
C ASP A 229 -11.57 -2.94 -20.06
N GLY A 230 -12.56 -3.78 -20.36
CA GLY A 230 -12.28 -5.04 -21.02
C GLY A 230 -13.40 -5.38 -22.00
N PHE A 231 -13.07 -6.22 -22.98
CA PHE A 231 -14.03 -6.84 -23.85
C PHE A 231 -14.08 -8.33 -23.61
N TYR A 232 -15.27 -8.89 -23.78
CA TYR A 232 -15.50 -10.33 -23.89
C TYR A 232 -15.34 -10.73 -25.35
N LEU A 233 -14.36 -11.59 -25.61
CA LEU A 233 -13.89 -11.93 -26.94
C LEU A 233 -14.04 -13.40 -27.17
N VAL A 234 -14.51 -13.76 -28.37
CA VAL A 234 -14.65 -15.18 -28.70
C VAL A 234 -13.92 -15.46 -30.01
N ASN A 235 -13.38 -16.67 -30.12
CA ASN A 235 -12.78 -17.10 -31.38
C ASN A 235 -13.83 -17.11 -32.49
N LYS A 236 -13.54 -16.41 -33.58
CA LYS A 236 -14.52 -16.13 -34.63
C LYS A 236 -14.94 -17.43 -35.33
N LYS A 237 -13.97 -18.27 -35.63
CA LYS A 237 -14.25 -19.52 -36.34
C LYS A 237 -15.10 -20.45 -35.48
N ALA A 238 -14.78 -20.57 -34.20
CA ALA A 238 -15.58 -21.43 -33.30
C ALA A 238 -16.97 -20.88 -33.11
N PHE A 239 -17.07 -19.56 -33.01
CA PHE A 239 -18.36 -18.92 -32.79
C PHE A 239 -19.24 -19.06 -34.04
N GLU A 240 -18.65 -18.82 -35.21
CA GLU A 240 -19.40 -18.87 -36.47
C GLU A 240 -19.81 -20.28 -36.85
N ALA A 241 -19.13 -21.27 -36.27
CA ALA A 241 -19.47 -22.69 -36.45
C ALA A 241 -20.68 -23.13 -35.61
N LEU A 242 -21.03 -22.36 -34.59
CA LEU A 242 -22.26 -22.60 -33.83
C LEU A 242 -23.46 -22.35 -34.73
N SER A 243 -24.55 -23.06 -34.44
CA SER A 243 -25.80 -22.80 -35.11
C SER A 243 -26.24 -21.35 -34.89
N PRO A 244 -27.11 -20.86 -35.78
CA PRO A 244 -27.65 -19.53 -35.50
C PRO A 244 -28.32 -19.39 -34.13
N GLU A 245 -29.04 -20.43 -33.68
CA GLU A 245 -29.69 -20.39 -32.37
C GLU A 245 -28.68 -20.32 -31.22
N MET A 246 -27.58 -21.08 -31.32
CA MET A 246 -26.59 -21.07 -30.24
C MET A 246 -25.77 -19.76 -30.24
N GLN A 247 -25.48 -19.22 -31.41
CA GLN A 247 -24.86 -17.88 -31.49
C GLN A 247 -25.70 -16.84 -30.75
N ALA A 248 -27.01 -16.85 -31.00
CA ALA A 248 -27.91 -15.88 -30.39
C ALA A 248 -28.00 -16.07 -28.88
N LYS A 249 -28.03 -17.31 -28.41
CA LYS A 249 -28.06 -17.58 -26.98
CA LYS A 249 -28.07 -17.56 -26.98
C LYS A 249 -26.78 -17.07 -26.30
N MET A 250 -25.64 -17.37 -26.92
CA MET A 250 -24.34 -16.93 -26.39
C MET A 250 -24.27 -15.39 -26.32
N ARG A 251 -24.71 -14.72 -27.38
CA ARG A 251 -24.74 -13.26 -27.40
C ARG A 251 -25.65 -12.72 -26.30
N GLU A 252 -26.81 -13.35 -26.14
CA GLU A 252 -27.77 -12.93 -25.14
C GLU A 252 -27.19 -13.03 -23.74
N SER A 253 -26.52 -14.14 -23.46
CA SER A 253 -25.93 -14.34 -22.16
C SER A 253 -24.85 -13.32 -21.83
N VAL A 254 -23.97 -13.03 -22.78
CA VAL A 254 -22.93 -12.07 -22.53
C VAL A 254 -23.53 -10.66 -22.35
N ALA A 255 -24.50 -10.30 -23.17
CA ALA A 255 -25.15 -8.98 -23.05
C ALA A 255 -25.85 -8.78 -21.71
N ARG A 256 -26.46 -9.87 -21.20
CA ARG A 256 -27.18 -9.86 -19.94
C ARG A 256 -26.22 -9.69 -18.76
N GLN A 257 -25.11 -10.39 -18.81
CA GLN A 257 -24.20 -10.49 -17.66
C GLN A 257 -23.14 -9.38 -17.64
N ALA A 258 -22.78 -8.84 -18.81
CA ALA A 258 -21.64 -7.90 -18.86
C ALA A 258 -21.84 -6.72 -17.95
N PRO A 259 -23.07 -6.12 -17.93
CA PRO A 259 -23.27 -4.95 -17.06
C PRO A 259 -23.11 -5.27 -15.60
N GLY A 260 -23.35 -6.53 -15.24
CA GLY A 260 -23.14 -6.96 -13.87
C GLY A 260 -21.69 -6.97 -13.45
N THR A 261 -20.76 -7.13 -14.39
CA THR A 261 -19.36 -7.08 -14.10
C THR A 261 -19.01 -5.64 -13.76
N THR A 262 -19.40 -4.71 -14.62
CA THR A 262 -19.23 -3.30 -14.39
C THR A 262 -19.81 -2.93 -13.01
N ALA A 263 -21.02 -3.42 -12.73
CA ALA A 263 -21.72 -3.04 -11.49
C ALA A 263 -21.00 -3.50 -10.25
N GLN A 264 -20.51 -4.73 -10.26
CA GLN A 264 -19.79 -5.25 -9.11
C GLN A 264 -18.52 -4.48 -8.86
N ILE A 265 -17.79 -4.20 -9.94
CA ILE A 265 -16.56 -3.45 -9.82
C ILE A 265 -16.86 -2.05 -9.28
N ALA A 266 -17.95 -1.45 -9.72
CA ALA A 266 -18.29 -0.11 -9.26
C ALA A 266 -18.68 -0.07 -7.80
N LYS A 267 -19.42 -1.09 -7.35
CA LYS A 267 -19.80 -1.21 -5.94
C LYS A 267 -18.56 -1.33 -5.06
N GLU A 268 -17.61 -2.15 -5.48
CA GLU A 268 -16.37 -2.32 -4.74
CA GLU A 268 -16.35 -2.34 -4.77
C GLU A 268 -15.57 -1.02 -4.70
N GLU A 269 -15.53 -0.28 -5.80
CA GLU A 269 -14.83 1.02 -5.83
C GLU A 269 -15.40 1.97 -4.78
N GLY A 270 -16.72 2.01 -4.67
CA GLY A 270 -17.37 2.85 -3.68
C GLY A 270 -17.04 2.41 -2.28
N GLU A 271 -17.08 1.11 -2.04
CA GLU A 271 -16.78 0.55 -0.72
C GLU A 271 -15.36 0.82 -0.30
N VAL A 272 -14.43 0.64 -1.23
CA VAL A 272 -13.05 0.88 -0.89
C VAL A 272 -12.77 2.37 -0.66
N THR A 273 -13.39 3.24 -1.46
CA THR A 273 -13.21 4.68 -1.26
C THR A 273 -13.73 5.08 0.15
N ASP A 274 -14.87 4.53 0.55
CA ASP A 274 -15.41 4.86 1.85
C ASP A 274 -14.46 4.37 2.95
N ALA A 275 -13.90 3.19 2.73
CA ALA A 275 -12.92 2.64 3.68
C ALA A 275 -11.65 3.49 3.79
N LEU A 276 -11.18 3.95 2.65
CA LEU A 276 -10.03 4.86 2.61
C LEU A 276 -10.32 6.17 3.30
N ARG A 277 -11.52 6.71 3.11
CA ARG A 277 -11.91 7.92 3.87
C ARG A 277 -11.78 7.69 5.38
N GLN A 278 -12.30 6.56 5.85
CA GLN A 278 -12.25 6.24 7.29
C GLN A 278 -10.82 6.04 7.79
N LYS A 279 -9.96 5.58 6.91
CA LYS A 279 -8.52 5.48 7.23
C LYS A 279 -7.78 6.81 7.21
N GLY A 280 -8.42 7.86 6.71
CA GLY A 280 -7.88 9.20 6.69
C GLY A 280 -7.39 9.72 5.35
N MET A 281 -7.75 9.07 4.25
CA MET A 281 -7.47 9.60 2.91
C MET A 281 -8.32 10.84 2.79
N VAL A 282 -7.70 11.91 2.32
CA VAL A 282 -8.42 13.15 1.99
C VAL A 282 -9.02 12.97 0.60
N ILE A 283 -10.34 12.87 0.54
CA ILE A 283 -11.04 12.56 -0.70
C ILE A 283 -11.57 13.90 -1.25
N VAL A 284 -11.15 14.27 -2.45
CA VAL A 284 -11.55 15.55 -3.09
C VAL A 284 -12.33 15.18 -4.33
N PRO A 285 -13.65 15.35 -4.30
CA PRO A 285 -14.42 14.99 -5.48
C PRO A 285 -14.17 15.95 -6.64
N SER A 286 -14.40 15.44 -7.85
CA SER A 286 -14.28 16.29 -9.01
CA SER A 286 -14.35 16.20 -9.07
C SER A 286 -15.51 17.19 -9.04
N THR A 287 -15.41 18.26 -9.84
CA THR A 287 -16.47 19.24 -9.95
C THR A 287 -16.55 19.54 -11.44
N PRO A 288 -17.68 20.13 -11.87
CA PRO A 288 -17.80 20.52 -13.26
C PRO A 288 -16.72 21.48 -13.71
N ALA A 289 -16.36 22.45 -12.85
CA ALA A 289 -15.33 23.42 -13.20
C ALA A 289 -13.99 22.79 -13.39
N MET A 290 -13.66 21.87 -12.49
CA MET A 290 -12.42 21.14 -12.55
C MET A 290 -12.33 20.25 -13.79
N GLU A 291 -13.42 19.58 -14.13
CA GLU A 291 -13.44 18.75 -15.34
C GLU A 291 -13.29 19.56 -16.61
N GLN A 292 -13.93 20.71 -16.64
CA GLN A 292 -13.84 21.57 -17.79
C GLN A 292 -12.41 22.07 -17.96
N ALA A 293 -11.79 22.49 -16.87
CA ALA A 293 -10.41 22.95 -16.92
C ALA A 293 -9.47 21.85 -17.37
N ALA A 294 -9.65 20.65 -16.81
CA ALA A 294 -8.85 19.51 -17.23
C ALA A 294 -9.05 19.11 -18.68
N THR A 295 -10.27 19.18 -19.17
CA THR A 295 -10.56 18.87 -20.57
C THR A 295 -9.83 19.89 -21.46
N ASP A 296 -9.86 21.17 -21.05
CA ASP A 296 -9.19 22.20 -21.83
C ASP A 296 -7.67 21.98 -21.90
N LEU A 297 -7.08 21.31 -20.92
CA LEU A 297 -5.67 21.01 -21.00
C LEU A 297 -5.31 19.94 -22.00
N VAL A 298 -6.24 19.02 -22.30
CA VAL A 298 -5.95 17.86 -23.16
C VAL A 298 -6.72 17.72 -24.45
N SER A 299 -7.72 18.57 -24.70
CA SER A 299 -8.52 18.38 -25.88
C SER A 299 -7.67 18.50 -27.13
N GLY A 300 -6.64 19.39 -27.09
CA GLY A 300 -5.72 19.56 -28.20
C GLY A 300 -4.90 18.30 -28.45
N TYR A 301 -4.47 17.68 -27.35
CA TYR A 301 -3.75 16.41 -27.43
C TYR A 301 -4.58 15.30 -28.08
N TRP A 302 -5.89 15.28 -27.85
CA TRP A 302 -6.71 14.27 -28.49
C TRP A 302 -6.52 14.29 -30.00
N GLU A 303 -6.48 15.50 -30.58
CA GLU A 303 -6.34 15.64 -32.00
C GLU A 303 -4.93 15.28 -32.48
N ASP A 304 -3.92 15.61 -31.68
CA ASP A 304 -2.55 15.18 -31.97
C ASP A 304 -2.44 13.66 -31.96
N TRP A 305 -3.01 13.04 -30.94
CA TRP A 305 -3.05 11.57 -30.81
C TRP A 305 -3.71 10.98 -32.05
N ALA A 306 -4.85 11.52 -32.43
CA ALA A 306 -5.57 10.97 -33.56
C ALA A 306 -4.76 11.10 -34.86
N ARG A 307 -4.11 12.24 -35.08
CA ARG A 307 -3.26 12.41 -36.24
CA ARG A 307 -3.25 12.41 -36.24
C ARG A 307 -2.12 11.37 -36.29
N GLU A 308 -1.55 11.07 -35.11
CA GLU A 308 -0.51 10.03 -35.03
C GLU A 308 -1.04 8.64 -35.37
N GLN A 309 -2.32 8.38 -35.07
CA GLN A 309 -2.96 7.10 -35.34
CA GLN A 309 -2.92 7.08 -35.34
C GLN A 309 -3.51 6.98 -36.76
N GLY A 310 -3.64 8.12 -37.44
CA GLY A 310 -4.04 8.15 -38.83
C GLY A 310 -5.43 8.66 -39.17
N PRO A 311 -5.73 8.74 -40.47
CA PRO A 311 -6.99 9.34 -40.94
C PRO A 311 -8.26 8.75 -40.38
N GLU A 312 -8.33 7.44 -40.15
CA GLU A 312 -9.53 6.86 -39.57
C GLU A 312 -9.72 7.32 -38.15
N ALA A 313 -8.63 7.40 -37.38
CA ALA A 313 -8.74 7.87 -36.02
C ALA A 313 -9.20 9.31 -35.99
N VAL A 314 -8.68 10.12 -36.92
CA VAL A 314 -9.05 11.54 -37.01
C VAL A 314 -10.57 11.66 -37.24
N GLN A 315 -11.06 10.91 -38.21
CA GLN A 315 -12.49 10.87 -38.58
C GLN A 315 -13.37 10.35 -37.46
N ALA A 316 -12.95 9.26 -36.82
CA ALA A 316 -13.75 8.66 -35.75
C ALA A 316 -13.78 9.60 -34.54
N LEU A 317 -12.64 10.17 -34.21
CA LEU A 317 -12.59 11.10 -33.10
C LEU A 317 -13.58 12.28 -33.33
N ALA A 318 -13.62 12.86 -34.55
CA ALA A 318 -14.56 13.94 -34.87
C ALA A 318 -16.01 13.54 -34.58
N GLU A 319 -16.36 12.33 -34.98
CA GLU A 319 -17.71 11.81 -34.76
C GLU A 319 -17.98 11.61 -33.28
N VAL A 320 -17.01 11.07 -32.55
CA VAL A 320 -17.21 10.83 -31.12
C VAL A 320 -17.39 12.16 -30.38
N ARG A 321 -16.57 13.14 -30.73
CA ARG A 321 -16.61 14.43 -30.07
C ARG A 321 -17.93 15.15 -30.37
N LYS A 322 -18.44 14.99 -31.57
CA LYS A 322 -19.75 15.58 -31.90
C LYS A 322 -20.86 14.94 -31.04
N ALA A 323 -20.80 13.63 -30.90
CA ALA A 323 -21.76 12.87 -30.10
C ALA A 323 -21.73 13.21 -28.61
N LEU A 324 -20.55 13.45 -28.07
CA LEU A 324 -20.38 13.79 -26.66
C LEU A 324 -20.47 15.29 -26.34
N GLY A 325 -20.37 16.16 -27.36
CA GLY A 325 -20.39 17.60 -27.15
C GLY A 325 -19.20 18.17 -26.42
N ARG A 326 -18.01 17.60 -26.62
CA ARG A 326 -16.77 18.15 -26.01
C ARG A 326 -15.55 17.93 -26.86
N THR B 25 13.01 -24.37 2.49
CA THR B 25 13.81 -23.40 3.32
C THR B 25 13.36 -21.97 3.05
N TRP B 26 13.03 -21.26 4.12
CA TRP B 26 12.48 -19.91 4.00
C TRP B 26 13.56 -18.87 4.22
N MET B 27 13.58 -17.84 3.38
CA MET B 27 14.47 -16.72 3.61
C MET B 27 13.90 -15.85 4.74
N ALA B 28 14.73 -15.55 5.73
CA ALA B 28 14.39 -14.60 6.78
C ALA B 28 15.35 -13.41 6.77
N TYR B 29 14.86 -12.29 7.29
CA TYR B 29 15.63 -11.07 7.37
C TYR B 29 15.39 -10.38 8.70
N THR B 30 16.32 -9.52 9.08
CA THR B 30 16.18 -8.77 10.31
C THR B 30 16.75 -7.38 10.14
N PHE B 31 16.18 -6.43 10.88
CA PHE B 31 16.76 -5.08 10.92
C PHE B 31 18.05 -4.96 11.73
N GLY B 32 18.45 -6.04 12.41
CA GLY B 32 19.71 -6.07 13.10
C GLY B 32 20.85 -6.47 12.17
N PRO B 33 21.94 -5.69 12.16
CA PRO B 33 23.06 -5.96 11.24
C PRO B 33 24.20 -6.79 11.82
N SER B 34 24.09 -7.17 13.09
CA SER B 34 25.09 -8.07 13.67
CA SER B 34 25.11 -7.99 13.75
C SER B 34 24.45 -9.09 14.59
N GLU B 35 25.12 -10.24 14.70
CA GLU B 35 24.59 -11.42 15.42
C GLU B 35 24.40 -11.21 16.91
N ASN B 36 25.25 -10.38 17.49
CA ASN B 36 25.32 -10.13 18.94
C ASN B 36 24.12 -9.36 19.49
N LEU B 37 23.38 -8.68 18.62
CA LEU B 37 22.33 -7.77 19.05
C LEU B 37 21.17 -8.54 19.64
N ALA B 38 20.61 -8.02 20.73
CA ALA B 38 19.52 -8.72 21.43
C ALA B 38 18.38 -9.09 20.49
N ASN B 39 18.02 -8.21 19.57
CA ASN B 39 16.89 -8.54 18.70
C ASN B 39 17.18 -9.72 17.78
N VAL B 40 18.44 -9.81 17.33
CA VAL B 40 18.87 -10.88 16.41
C VAL B 40 18.95 -12.19 17.18
N GLN B 41 19.49 -12.17 18.40
CA GLN B 41 19.47 -13.35 19.26
CA GLN B 41 19.48 -13.35 19.24
C GLN B 41 18.04 -13.78 19.51
N GLY B 42 17.15 -12.81 19.72
CA GLY B 42 15.74 -13.10 19.90
C GLY B 42 15.13 -13.77 18.68
N MET B 43 15.40 -13.20 17.50
CA MET B 43 14.94 -13.79 16.27
C MET B 43 15.43 -15.23 16.11
N LYS B 44 16.69 -15.49 16.46
CA LYS B 44 17.22 -16.86 16.37
C LYS B 44 16.46 -17.85 17.25
N ARG B 45 16.15 -17.42 18.48
CA ARG B 45 15.33 -18.22 19.40
C ARG B 45 13.95 -18.53 18.81
N VAL B 46 13.33 -17.51 18.21
CA VAL B 46 12.01 -17.66 17.52
C VAL B 46 12.08 -18.66 16.35
N MET B 47 13.14 -18.52 15.54
CA MET B 47 13.31 -19.37 14.37
C MET B 47 13.64 -20.79 14.80
N GLU B 48 14.52 -20.92 15.81
CA GLU B 48 14.84 -22.22 16.41
C GLU B 48 13.59 -22.90 16.96
N ASP B 49 12.71 -22.13 17.59
CA ASP B 49 11.50 -22.70 18.16
C ASP B 49 10.58 -23.18 17.02
N ILE B 50 10.36 -22.32 16.02
CA ILE B 50 9.59 -22.73 14.85
C ILE B 50 10.13 -24.03 14.21
N GLU B 51 11.44 -24.09 13.99
CA GLU B 51 12.05 -25.29 13.37
C GLU B 51 11.72 -26.56 14.15
N LYS B 52 11.87 -26.52 15.47
CA LYS B 52 11.67 -27.70 16.33
C LYS B 52 10.19 -28.01 16.44
N ASN B 53 9.39 -26.98 16.69
CA ASN B 53 7.94 -27.13 16.86
C ASN B 53 7.22 -27.64 15.61
N THR B 54 7.76 -27.33 14.42
CA THR B 54 7.21 -27.83 13.16
C THR B 54 7.90 -29.10 12.67
N GLY B 55 8.73 -29.71 13.52
CA GLY B 55 9.42 -30.94 13.16
C GLY B 55 10.37 -30.81 11.99
N GLY B 56 10.90 -29.60 11.79
CA GLY B 56 11.85 -29.32 10.71
C GLY B 56 11.24 -29.07 9.34
N GLU B 57 9.91 -29.00 9.25
CA GLU B 57 9.25 -28.66 7.97
C GLU B 57 9.50 -27.21 7.53
N VAL B 58 9.55 -26.29 8.48
CA VAL B 58 9.89 -24.88 8.19
C VAL B 58 11.31 -24.62 8.71
N LYS B 59 12.26 -24.40 7.80
CA LYS B 59 13.64 -24.07 8.14
C LYS B 59 13.98 -22.70 7.57
N PHE B 60 14.87 -22.00 8.23
CA PHE B 60 15.21 -20.64 7.83
C PHE B 60 16.66 -20.47 7.46
N ARG B 61 16.89 -19.51 6.55
CA ARG B 61 18.20 -18.94 6.29
C ARG B 61 18.07 -17.45 6.63
N LEU B 62 18.81 -16.99 7.64
CA LEU B 62 18.70 -15.61 8.10
C LEU B 62 19.73 -14.74 7.41
N ARG B 63 19.28 -13.61 6.89
CA ARG B 63 20.16 -12.59 6.37
C ARG B 63 20.08 -11.38 7.27
N LEU B 64 21.24 -10.84 7.64
CA LEU B 64 21.31 -9.66 8.53
C LEU B 64 21.12 -8.38 7.74
N ALA B 65 20.78 -7.31 8.47
CA ALA B 65 20.47 -6.02 7.82
C ALA B 65 21.59 -5.52 6.94
N GLY B 66 21.26 -5.13 5.70
CA GLY B 66 22.29 -4.71 4.76
C GLY B 66 22.72 -5.78 3.80
N SER B 67 22.54 -7.05 4.15
CA SER B 67 23.02 -8.11 3.28
C SER B 67 22.07 -8.43 2.13
N LEU B 68 20.87 -7.86 2.19
CA LEU B 68 19.96 -7.89 1.05
C LEU B 68 19.64 -6.47 0.75
N PRO B 69 19.32 -6.16 -0.52
CA PRO B 69 19.00 -4.78 -0.95
C PRO B 69 17.58 -4.42 -0.56
N ILE B 70 17.34 -4.40 0.74
CA ILE B 70 16.06 -4.03 1.31
C ILE B 70 16.32 -2.78 2.13
N GLN B 71 15.64 -1.69 1.79
CA GLN B 71 15.93 -0.44 2.48
C GLN B 71 15.43 -0.49 3.92
N ALA B 72 15.94 0.44 4.73
CA ALA B 72 15.79 0.35 6.20
C ALA B 72 14.33 0.22 6.64
N THR B 73 13.45 0.91 5.96
CA THR B 73 12.06 1.06 6.36
C THR B 73 11.13 0.27 5.43
N ASP B 74 11.73 -0.59 4.58
CA ASP B 74 10.99 -1.36 3.56
C ASP B 74 10.89 -2.85 3.91
N ILE B 75 11.20 -3.25 5.14
CA ILE B 75 11.11 -4.69 5.46
C ILE B 75 9.67 -5.21 5.24
N THR B 76 8.68 -4.42 5.64
CA THR B 76 7.27 -4.84 5.51
C THR B 76 6.96 -5.16 4.06
N GLN B 77 7.43 -4.30 3.15
CA GLN B 77 7.23 -4.51 1.74
CA GLN B 77 7.27 -4.51 1.72
C GLN B 77 7.91 -5.80 1.27
N ALA B 78 9.12 -6.03 1.74
CA ALA B 78 9.89 -7.21 1.36
C ALA B 78 9.24 -8.52 1.80
N VAL B 79 8.71 -8.52 3.02
CA VAL B 79 7.95 -9.67 3.51
C VAL B 79 6.69 -9.83 2.67
N GLY B 80 6.00 -8.72 2.41
CA GLY B 80 4.73 -8.73 1.73
C GLY B 80 4.78 -9.25 0.31
N ASN B 81 5.86 -8.93 -0.42
CA ASN B 81 6.01 -9.37 -1.81
C ASN B 81 6.82 -10.67 -1.96
N GLY B 82 7.27 -11.22 -0.84
CA GLY B 82 7.93 -12.52 -0.80
C GLY B 82 9.42 -12.48 -1.14
N THR B 83 10.01 -11.31 -1.12
CA THR B 83 11.47 -11.17 -1.23
C THR B 83 12.12 -11.98 -0.09
N VAL B 84 11.53 -11.87 1.10
CA VAL B 84 11.81 -12.77 2.21
C VAL B 84 10.47 -13.24 2.73
N ARG B 85 10.46 -14.30 3.52
CA ARG B 85 9.21 -14.87 4.01
C ARG B 85 8.93 -14.60 5.47
N PHE B 86 9.96 -14.20 6.21
CA PHE B 86 9.83 -13.96 7.65
C PHE B 86 10.85 -12.93 8.08
N ALA B 87 10.46 -12.03 8.98
CA ALA B 87 11.35 -10.95 9.42
C ALA B 87 10.89 -10.35 10.75
N ASP B 88 11.77 -9.63 11.43
CA ASP B 88 11.32 -8.69 12.42
C ASP B 88 11.46 -7.29 11.81
N ASP B 89 10.66 -6.35 12.29
CA ASP B 89 10.58 -5.02 11.65
C ASP B 89 10.19 -4.02 12.73
N GLY B 90 11.08 -3.06 12.97
CA GLY B 90 10.81 -1.95 13.90
C GLY B 90 10.66 -0.62 13.21
N PHE B 91 10.63 -0.68 11.89
CA PHE B 91 10.60 0.54 11.05
C PHE B 91 9.43 0.46 10.06
N TYR B 92 8.25 0.17 10.63
CA TYR B 92 7.05 -0.23 9.88
C TYR B 92 6.03 0.93 9.70
N LEU B 93 6.26 2.06 10.36
CA LEU B 93 5.26 3.15 10.45
C LEU B 93 4.91 3.80 9.12
N GLY B 94 5.82 3.75 8.16
CA GLY B 94 5.51 4.26 6.82
C GLY B 94 4.49 3.37 6.11
N ASN B 95 4.45 2.10 6.52
CA ASN B 95 3.58 1.09 5.91
C ASN B 95 2.29 0.76 6.68
N VAL B 96 2.28 1.04 7.98
CA VAL B 96 1.11 0.85 8.86
C VAL B 96 1.00 2.05 9.78
N ARG B 97 0.51 3.15 9.23
CA ARG B 97 0.52 4.39 10.00
C ARG B 97 -0.27 4.35 11.30
N ILE B 98 -1.40 3.63 11.34
CA ILE B 98 -2.26 3.65 12.53
C ILE B 98 -1.59 3.11 13.78
N ALA B 99 -0.57 2.31 13.56
CA ALA B 99 0.23 1.74 14.67
C ALA B 99 1.02 2.83 15.37
N GLY B 100 1.09 4.04 14.77
CA GLY B 100 1.75 5.14 15.44
C GLY B 100 1.19 5.53 16.77
N ILE B 101 -0.07 5.17 17.05
CA ILE B 101 -0.64 5.45 18.38
C ILE B 101 0.22 4.80 19.47
N LEU B 102 0.82 3.66 19.15
CA LEU B 102 1.60 2.89 20.13
C LEU B 102 2.94 3.56 20.48
N ARG B 103 3.30 4.65 19.79
CA ARG B 103 4.52 5.40 20.10
C ARG B 103 4.29 6.87 20.44
N LEU B 104 3.04 7.27 20.68
CA LEU B 104 2.75 8.67 20.98
C LEU B 104 3.41 9.03 22.31
N PRO B 105 3.97 10.23 22.41
CA PRO B 105 4.75 10.56 23.60
C PRO B 105 3.93 10.48 24.89
N MET B 106 4.50 9.80 25.89
CA MET B 106 3.95 9.70 27.25
C MET B 106 2.69 8.85 27.37
N LEU B 107 2.23 8.23 26.27
CA LEU B 107 0.95 7.54 26.32
C LEU B 107 1.05 6.20 27.02
N LEU B 108 2.09 5.44 26.69
CA LEU B 108 2.29 4.11 27.25
C LEU B 108 3.42 4.10 28.30
N ARG B 109 3.07 3.75 29.54
CA ARG B 109 4.01 3.77 30.67
C ARG B 109 4.53 2.41 31.11
N SER B 110 3.94 1.34 30.60
CA SER B 110 4.28 0.00 31.02
C SER B 110 3.92 -1.02 29.95
N GLN B 111 4.35 -2.24 30.18
CA GLN B 111 4.03 -3.35 29.37
C GLN B 111 2.54 -3.57 29.41
N GLU B 112 1.96 -3.45 30.58
CA GLU B 112 0.52 -3.64 30.76
C GLU B 112 -0.25 -2.62 29.91
N ASP B 113 0.22 -1.37 29.91
CA ASP B 113 -0.34 -0.31 29.03
C ASP B 113 -0.28 -0.74 27.58
N PHE B 114 0.88 -1.24 27.13
CA PHE B 114 0.97 -1.67 25.74
C PHE B 114 -0.05 -2.77 25.48
N ASP B 115 -0.15 -3.74 26.39
CA ASP B 115 -1.08 -4.83 26.17
C ASP B 115 -2.52 -4.37 25.95
N LYS B 116 -2.97 -3.44 26.78
CA LYS B 116 -4.33 -2.91 26.69
C LYS B 116 -4.49 -2.11 25.39
N ALA B 117 -3.47 -1.34 25.06
CA ALA B 117 -3.50 -0.50 23.83
C ALA B 117 -3.53 -1.38 22.59
N TYR B 118 -2.67 -2.40 22.58
CA TYR B 118 -2.62 -3.33 21.45
C TYR B 118 -3.89 -4.14 21.28
N ALA B 119 -4.59 -4.46 22.36
CA ALA B 119 -5.85 -5.19 22.21
C ALA B 119 -6.79 -4.37 21.32
N ILE B 120 -6.75 -3.05 21.48
CA ILE B 120 -7.59 -2.17 20.72
C ILE B 120 -7.01 -1.98 19.32
N MET B 121 -5.71 -1.82 19.20
CA MET B 121 -5.12 -1.49 17.89
C MET B 121 -5.01 -2.68 16.94
N LYS B 122 -4.94 -3.88 17.51
CA LYS B 122 -4.64 -5.11 16.76
C LYS B 122 -5.45 -5.31 15.46
N PRO B 123 -6.79 -5.18 15.50
CA PRO B 123 -7.54 -5.41 14.25
C PRO B 123 -7.14 -4.44 13.12
N TYR B 124 -6.91 -3.17 13.46
CA TYR B 124 -6.46 -2.23 12.45
C TYR B 124 -5.07 -2.56 11.95
N VAL B 125 -4.15 -2.90 12.86
CA VAL B 125 -2.78 -3.15 12.51
C VAL B 125 -2.69 -4.42 11.62
N GLU B 126 -3.39 -5.48 12.02
CA GLU B 126 -3.40 -6.70 11.24
C GLU B 126 -4.03 -6.49 9.87
N ARG B 127 -5.12 -5.72 9.85
CA ARG B 127 -5.73 -5.41 8.56
C ARG B 127 -4.73 -4.74 7.63
N ASP B 128 -4.05 -3.73 8.13
CA ASP B 128 -3.19 -2.92 7.26
C ASP B 128 -1.87 -3.60 6.87
N PHE B 129 -1.35 -4.48 7.72
CA PHE B 129 -0.33 -5.40 7.26
C PHE B 129 -0.86 -6.37 6.21
N GLY B 130 -2.06 -6.88 6.41
CA GLY B 130 -2.69 -7.83 5.47
C GLY B 130 -2.90 -7.34 4.05
N LYS B 131 -3.24 -6.05 3.91
CA LYS B 131 -3.45 -5.50 2.59
CA LYS B 131 -3.44 -5.43 2.60
C LYS B 131 -2.18 -5.46 1.77
N GLN B 132 -1.03 -5.54 2.43
CA GLN B 132 0.23 -5.58 1.70
C GLN B 132 0.90 -6.94 1.77
N GLY B 133 0.11 -7.97 2.10
CA GLY B 133 0.55 -9.35 1.98
C GLY B 133 1.32 -9.88 3.17
N VAL B 134 1.04 -9.35 4.37
CA VAL B 134 1.81 -9.67 5.57
C VAL B 134 0.87 -10.09 6.72
N VAL B 135 1.24 -11.18 7.40
CA VAL B 135 0.53 -11.64 8.57
C VAL B 135 1.43 -11.38 9.78
N VAL B 136 0.84 -10.88 10.86
CA VAL B 136 1.59 -10.57 12.08
C VAL B 136 1.57 -11.79 13.00
N LEU B 137 2.74 -12.31 13.34
CA LEU B 137 2.82 -13.44 14.26
C LEU B 137 3.16 -13.08 15.69
N GLY B 138 3.76 -11.93 15.92
CA GLY B 138 4.02 -11.49 17.27
C GLY B 138 4.60 -10.11 17.34
N HIS B 139 4.91 -9.72 18.58
CA HIS B 139 5.37 -8.40 18.88
C HIS B 139 6.34 -8.43 20.04
N PHE B 140 7.33 -7.56 20.01
CA PHE B 140 8.25 -7.34 21.11
C PHE B 140 8.53 -5.88 21.25
N SER B 141 9.19 -5.53 22.35
CA SER B 141 9.49 -4.15 22.64
C SER B 141 10.90 -3.93 23.14
N PHE B 142 11.41 -2.74 22.81
CA PHE B 142 12.59 -2.18 23.45
C PHE B 142 12.08 -1.35 24.62
N PRO B 143 12.95 -1.04 25.59
CA PRO B 143 12.48 -0.18 26.67
C PRO B 143 12.22 1.27 26.22
N HIS B 144 11.68 2.08 27.11
CA HIS B 144 11.40 3.47 26.78
C HIS B 144 12.63 4.23 26.31
N GLN B 145 12.41 5.10 25.34
CA GLN B 145 13.34 6.13 24.97
C GLN B 145 13.24 7.18 26.05
N VAL B 146 14.39 7.58 26.59
CA VAL B 146 14.45 8.55 27.68
C VAL B 146 15.31 9.75 27.26
N ILE B 147 15.65 10.63 28.20
CA ILE B 147 16.38 11.85 27.84
C ILE B 147 17.75 11.85 28.48
N PHE B 148 18.78 12.06 27.65
CA PHE B 148 20.15 12.24 28.11
C PHE B 148 20.59 13.66 27.77
N SER B 149 21.45 14.24 28.60
CA SER B 149 21.97 15.57 28.33
C SER B 149 23.37 15.80 28.92
N ALA B 150 24.10 16.67 28.25
CA ALA B 150 25.32 17.28 28.78
C ALA B 150 25.02 18.19 29.97
N ARG B 151 23.92 18.92 29.89
CA ARG B 151 23.50 19.87 30.91
C ARG B 151 22.63 19.33 32.05
N LYS B 152 22.50 20.09 33.12
CA LYS B 152 21.73 19.57 34.23
C LYS B 152 20.34 19.26 33.70
N LEU B 153 19.85 18.08 34.04
CA LEU B 153 18.55 17.61 33.57
C LEU B 153 17.82 16.92 34.68
N GLU B 154 17.14 17.68 35.52
CA GLU B 154 16.47 17.06 36.66
C GLU B 154 14.96 17.26 36.71
N SER B 155 14.44 18.03 35.77
CA SER B 155 13.00 18.27 35.75
C SER B 155 12.53 18.69 34.39
N LEU B 156 11.23 18.60 34.17
CA LEU B 156 10.72 19.14 32.91
C LEU B 156 11.19 20.58 32.70
N ALA B 157 11.17 21.35 33.78
CA ALA B 157 11.67 22.72 33.75
C ALA B 157 13.06 22.79 33.12
N ASP B 158 13.93 21.84 33.46
CA ASP B 158 15.30 21.83 32.97
C ASP B 158 15.45 21.60 31.45
N ILE B 159 14.43 21.01 30.82
CA ILE B 159 14.44 20.78 29.37
C ILE B 159 14.40 22.11 28.60
N LYS B 160 13.80 23.13 29.21
CA LYS B 160 13.63 24.44 28.55
C LYS B 160 14.93 24.96 27.93
N GLY B 161 14.89 25.21 26.62
CA GLY B 161 16.02 25.77 25.91
C GLY B 161 17.05 24.75 25.44
N GLN B 162 16.93 23.51 25.93
CA GLN B 162 17.91 22.49 25.62
C GLN B 162 17.67 21.95 24.23
N LYS B 163 18.75 21.77 23.49
CA LYS B 163 18.69 21.19 22.15
CA LYS B 163 18.69 21.18 22.14
C LYS B 163 18.86 19.67 22.22
N LEU B 164 17.73 18.95 22.18
CA LEU B 164 17.73 17.50 22.33
C LEU B 164 17.43 16.83 20.99
N ARG B 165 18.30 15.94 20.56
CA ARG B 165 18.09 15.18 19.33
C ARG B 165 16.89 14.19 19.43
N VAL B 166 16.04 14.16 18.41
CA VAL B 166 14.84 13.32 18.38
C VAL B 166 14.87 12.41 17.14
N SER B 167 14.07 11.33 17.15
CA SER B 167 14.06 10.37 16.05
CA SER B 167 14.06 10.37 16.05
C SER B 167 12.72 10.30 15.31
N SER B 168 11.77 11.13 15.71
CA SER B 168 10.47 11.18 15.04
C SER B 168 9.80 12.52 15.29
N PRO B 169 8.80 12.86 14.44
CA PRO B 169 8.04 14.09 14.71
C PRO B 169 7.22 14.06 15.99
N GLU B 170 6.85 12.87 16.44
CA GLU B 170 6.09 12.72 17.67
C GLU B 170 6.99 13.07 18.87
N GLN B 171 8.24 12.65 18.82
CA GLN B 171 9.21 13.02 19.84
C GLN B 171 9.49 14.52 19.81
N ALA B 172 9.62 15.04 18.60
CA ALA B 172 9.82 16.48 18.35
C ALA B 172 8.70 17.34 18.95
N ALA B 173 7.47 16.89 18.79
CA ALA B 173 6.30 17.56 19.38
C ALA B 173 6.42 17.66 20.89
N PHE B 174 6.82 16.55 21.52
CA PHE B 174 7.01 16.51 22.97
C PHE B 174 8.07 17.49 23.45
N VAL B 175 9.25 17.42 22.86
CA VAL B 175 10.34 18.28 23.26
C VAL B 175 9.94 19.75 23.09
N GLN B 176 9.36 20.06 21.92
CA GLN B 176 8.89 21.40 21.58
C GLN B 176 7.93 21.96 22.63
N ARG B 177 6.95 21.15 23.02
CA ARG B 177 5.96 21.59 24.00
C ARG B 177 6.54 21.67 25.42
N ALA B 178 7.58 20.87 25.70
CA ALA B 178 8.31 20.96 26.98
C ALA B 178 9.26 22.15 27.06
N GLY B 179 9.34 22.95 25.99
CA GLY B 179 10.17 24.15 25.98
C GLY B 179 11.58 23.92 25.45
N GLY B 180 11.88 22.66 25.11
CA GLY B 180 13.14 22.32 24.48
C GLY B 180 13.11 22.64 23.00
N ILE B 181 14.24 22.42 22.34
CA ILE B 181 14.40 22.62 20.91
C ILE B 181 14.68 21.25 20.33
N PRO B 182 13.67 20.63 19.69
CA PRO B 182 13.93 19.31 19.16
C PRO B 182 14.86 19.43 17.98
N VAL B 183 15.90 18.60 17.97
CA VAL B 183 16.92 18.65 16.96
C VAL B 183 16.90 17.40 16.11
N THR B 184 17.10 17.59 14.81
CA THR B 184 17.36 16.46 13.93
C THR B 184 18.82 16.57 13.54
N LEU B 185 19.54 15.47 13.71
CA LEU B 185 20.98 15.42 13.48
C LEU B 185 21.37 14.01 13.11
N GLY B 186 22.29 13.87 12.16
CA GLY B 186 22.78 12.55 11.77
C GLY B 186 23.63 11.95 12.89
N GLY B 187 23.40 10.67 13.20
CA GLY B 187 24.11 10.01 14.29
C GLY B 187 25.61 10.26 14.32
N ALA B 188 26.24 10.19 13.14
CA ALA B 188 27.68 10.41 13.02
C ALA B 188 28.14 11.78 13.54
N GLU B 189 27.28 12.79 13.44
CA GLU B 189 27.63 14.15 13.87
C GLU B 189 27.34 14.42 15.36
N VAL B 190 26.72 13.47 16.06
CA VAL B 190 26.30 13.69 17.44
C VAL B 190 27.50 13.87 18.40
N PRO B 191 28.54 13.01 18.30
CA PRO B 191 29.66 13.19 19.22
C PRO B 191 30.32 14.57 19.17
N SER B 192 30.65 15.03 17.97
CA SER B 192 31.33 16.32 17.81
C SER B 192 30.40 17.47 18.15
N ALA B 193 29.10 17.28 17.90
CA ALA B 193 28.09 18.29 18.24
C ALA B 193 27.93 18.42 19.76
N LEU B 194 27.92 17.29 20.46
CA LEU B 194 27.87 17.31 21.92
C LEU B 194 29.15 17.92 22.50
N SER B 195 30.30 17.49 21.96
CA SER B 195 31.62 17.99 22.40
C SER B 195 31.79 19.49 22.15
N ALA B 196 31.23 20.00 21.05
CA ALA B 196 31.30 21.42 20.72
C ALA B 196 30.20 22.24 21.40
N GLY B 197 29.18 21.56 21.93
CA GLY B 197 28.09 22.24 22.62
C GLY B 197 27.02 22.81 21.70
N THR B 198 26.96 22.31 20.46
CA THR B 198 25.96 22.77 19.51
C THR B 198 24.60 22.10 19.78
N ILE B 199 24.62 20.90 20.37
CA ILE B 199 23.43 20.29 20.95
C ILE B 199 23.72 19.88 22.40
N ASP B 200 22.66 19.69 23.18
CA ASP B 200 22.77 19.39 24.60
C ASP B 200 22.55 17.92 24.91
N GLY B 201 21.78 17.23 24.06
CA GLY B 201 21.47 15.84 24.33
C GLY B 201 20.64 15.13 23.29
N ALA B 202 19.97 14.08 23.73
CA ALA B 202 19.26 13.21 22.82
C ALA B 202 18.22 12.36 23.54
N LEU B 203 17.16 12.05 22.80
CA LEU B 203 16.17 11.08 23.24
C LEU B 203 16.61 9.75 22.66
N THR B 204 16.85 8.77 23.54
CA THR B 204 17.39 7.50 23.11
C THR B 204 17.38 6.59 24.34
N ALA B 205 17.80 5.35 24.16
CA ALA B 205 17.93 4.42 25.29
C ALA B 205 19.38 4.26 25.71
N SER B 206 19.59 3.79 26.95
CA SER B 206 20.93 3.57 27.47
C SER B 206 21.73 2.66 26.52
N ALA B 207 21.10 1.57 26.10
CA ALA B 207 21.76 0.60 25.21
C ALA B 207 21.79 1.04 23.75
N GLY B 208 21.10 2.14 23.44
CA GLY B 208 21.17 2.75 22.12
C GLY B 208 22.24 3.81 22.12
N GLY B 209 21.80 5.07 22.15
CA GLY B 209 22.70 6.22 22.04
C GLY B 209 23.51 6.48 23.30
N GLY B 210 22.93 6.13 24.45
CA GLY B 210 23.56 6.36 25.73
C GLY B 210 24.93 5.72 25.82
N LYS B 211 25.06 4.51 25.28
CA LYS B 211 26.33 3.77 25.36
C LYS B 211 27.39 4.38 24.46
N ILE B 212 27.02 4.69 23.21
CA ILE B 212 28.00 5.27 22.27
C ILE B 212 28.35 6.73 22.57
N TRP B 213 27.37 7.50 23.04
CA TRP B 213 27.61 8.93 23.35
C TRP B 213 27.81 9.16 24.85
N GLY B 214 27.93 8.07 25.60
CA GLY B 214 28.08 8.12 27.06
C GLY B 214 29.12 9.12 27.54
N ASP B 215 30.26 9.18 26.84
CA ASP B 215 31.36 10.06 27.22
C ASP B 215 30.98 11.55 27.24
N MET B 216 30.03 11.96 26.41
CA MET B 216 29.66 13.36 26.27
C MET B 216 28.32 13.69 26.93
N LEU B 217 27.79 12.77 27.72
CA LEU B 217 26.52 12.95 28.41
C LEU B 217 26.74 12.86 29.91
N LYS B 218 26.08 13.74 30.65
CA LYS B 218 26.28 13.84 32.10
C LYS B 218 25.01 13.54 32.89
N TYR B 219 23.83 13.79 32.30
CA TYR B 219 22.55 13.64 32.99
C TYR B 219 21.60 12.77 32.20
N ASN B 220 20.82 11.96 32.93
CA ASN B 220 19.85 11.05 32.33
C ASN B 220 18.52 11.16 33.09
N LEU B 221 17.54 11.86 32.50
CA LEU B 221 16.20 11.97 33.10
C LEU B 221 15.33 10.91 32.47
N ARG B 222 15.07 9.84 33.21
CA ARG B 222 14.45 8.65 32.64
C ARG B 222 12.93 8.79 32.50
N LEU B 223 12.50 9.89 31.88
CA LEU B 223 11.11 10.13 31.61
C LEU B 223 10.75 9.14 30.50
N PRO B 224 9.71 8.32 30.69
CA PRO B 224 9.37 7.30 29.71
C PRO B 224 8.62 7.92 28.52
N VAL B 225 9.36 8.42 27.54
CA VAL B 225 8.76 9.21 26.46
C VAL B 225 7.96 8.33 25.49
N ASN B 226 8.59 7.27 25.00
CA ASN B 226 7.91 6.29 24.15
C ASN B 226 8.70 5.02 24.01
N TYR B 227 8.02 3.92 23.74
CA TYR B 227 8.70 2.67 23.42
C TYR B 227 9.17 2.68 21.98
N PHE B 228 10.23 1.94 21.71
CA PHE B 228 10.58 1.51 20.37
C PHE B 228 10.21 0.05 20.36
N ASP B 229 9.76 -0.47 19.23
CA ASP B 229 9.23 -1.84 19.19
C ASP B 229 9.28 -2.47 17.81
N GLY B 230 8.90 -3.74 17.74
CA GLY B 230 9.01 -4.51 16.51
C GLY B 230 7.94 -5.56 16.37
N PHE B 231 7.65 -5.94 15.14
CA PHE B 231 6.75 -7.06 14.85
C PHE B 231 7.51 -8.23 14.22
N TYR B 232 7.06 -9.45 14.53
CA TYR B 232 7.45 -10.63 13.79
C TYR B 232 6.44 -10.85 12.69
N LEU B 233 6.91 -10.78 11.45
CA LEU B 233 6.07 -10.73 10.26
C LEU B 233 6.36 -11.89 9.31
N VAL B 234 5.30 -12.45 8.74
CA VAL B 234 5.42 -13.54 7.82
C VAL B 234 4.68 -13.20 6.51
N ASN B 235 5.21 -13.71 5.40
CA ASN B 235 4.54 -13.60 4.12
C ASN B 235 3.20 -14.31 4.17
N LYS B 236 2.13 -13.60 3.85
CA LYS B 236 0.78 -14.14 3.98
C LYS B 236 0.55 -15.35 3.07
N LYS B 237 0.97 -15.26 1.81
CA LYS B 237 0.78 -16.38 0.87
C LYS B 237 1.50 -17.64 1.31
N ALA B 238 2.73 -17.49 1.79
CA ALA B 238 3.53 -18.62 2.26
C ALA B 238 2.92 -19.22 3.51
N PHE B 239 2.49 -18.38 4.44
CA PHE B 239 1.89 -18.84 5.70
C PHE B 239 0.59 -19.60 5.45
N GLU B 240 -0.26 -19.05 4.58
CA GLU B 240 -1.58 -19.63 4.31
C GLU B 240 -1.51 -20.88 3.41
N ALA B 241 -0.35 -21.10 2.76
CA ALA B 241 -0.12 -22.31 1.98
C ALA B 241 0.27 -23.50 2.87
N LEU B 242 0.72 -23.20 4.08
CA LEU B 242 0.97 -24.24 5.08
C LEU B 242 -0.34 -24.89 5.52
N SER B 243 -0.23 -26.11 6.04
CA SER B 243 -1.37 -26.75 6.67
C SER B 243 -1.76 -25.95 7.91
N PRO B 244 -3.05 -26.01 8.31
CA PRO B 244 -3.47 -25.38 9.56
C PRO B 244 -2.64 -25.82 10.76
N GLU B 245 -2.27 -27.11 10.78
CA GLU B 245 -1.44 -27.67 11.84
C GLU B 245 -0.12 -26.89 11.98
N MET B 246 0.56 -26.66 10.87
CA MET B 246 1.85 -25.97 10.87
C MET B 246 1.69 -24.46 11.11
N GLN B 247 0.58 -23.91 10.65
CA GLN B 247 0.29 -22.51 10.90
C GLN B 247 0.20 -22.28 12.40
N ALA B 248 -0.55 -23.15 13.07
CA ALA B 248 -0.76 -23.01 14.51
C ALA B 248 0.55 -23.22 15.28
N LYS B 249 1.36 -24.18 14.82
CA LYS B 249 2.67 -24.42 15.40
C LYS B 249 3.57 -23.20 15.27
N MET B 250 3.58 -22.57 14.10
CA MET B 250 4.39 -21.38 13.84
C MET B 250 3.98 -20.23 14.76
N ARG B 251 2.66 -20.01 14.92
CA ARG B 251 2.15 -19.01 15.88
C ARG B 251 2.53 -19.29 17.31
N GLU B 252 2.41 -20.56 17.68
CA GLU B 252 2.73 -20.99 19.03
C GLU B 252 4.19 -20.66 19.34
N SER B 253 5.06 -20.92 18.37
CA SER B 253 6.49 -20.71 18.55
C SER B 253 6.83 -19.24 18.73
N VAL B 254 6.22 -18.35 17.94
CA VAL B 254 6.51 -16.94 18.04
C VAL B 254 5.94 -16.39 19.34
N ALA B 255 4.74 -16.83 19.71
CA ALA B 255 4.09 -16.38 20.95
C ALA B 255 4.89 -16.71 22.18
N ARG B 256 5.46 -17.91 22.19
CA ARG B 256 6.28 -18.38 23.29
C ARG B 256 7.60 -17.61 23.40
N GLN B 257 8.23 -17.36 22.26
CA GLN B 257 9.58 -16.81 22.23
C GLN B 257 9.63 -15.28 22.20
N ALA B 258 8.62 -14.63 21.63
CA ALA B 258 8.62 -13.17 21.55
C ALA B 258 8.84 -12.45 22.91
N PRO B 259 8.19 -12.89 24.02
CA PRO B 259 8.44 -12.18 25.28
C PRO B 259 9.89 -12.28 25.74
N GLY B 260 10.57 -13.34 25.29
CA GLY B 260 11.99 -13.53 25.56
C GLY B 260 12.88 -12.48 24.91
N THR B 261 12.42 -11.94 23.79
CA THR B 261 13.17 -10.88 23.09
C THR B 261 13.02 -9.59 23.89
N THR B 262 11.78 -9.22 24.20
CA THR B 262 11.54 -8.09 25.12
C THR B 262 12.36 -8.20 26.40
N ALA B 263 12.41 -9.39 27.00
CA ALA B 263 13.05 -9.53 28.28
C ALA B 263 14.58 -9.36 28.21
N GLN B 264 15.22 -9.94 27.19
CA GLN B 264 16.66 -9.77 26.99
C GLN B 264 17.03 -8.30 26.74
N ILE B 265 16.24 -7.60 25.95
CA ILE B 265 16.54 -6.21 25.64
C ILE B 265 16.46 -5.35 26.91
N ALA B 266 15.48 -5.65 27.75
CA ALA B 266 15.21 -4.88 28.96
C ALA B 266 16.28 -5.12 30.02
N LYS B 267 16.75 -6.36 30.12
CA LYS B 267 17.84 -6.72 30.99
C LYS B 267 19.12 -5.99 30.56
N GLU B 268 19.41 -6.01 29.26
CA GLU B 268 20.60 -5.33 28.76
CA GLU B 268 20.59 -5.32 28.73
C GLU B 268 20.52 -3.82 28.99
N GLU B 269 19.33 -3.25 28.86
CA GLU B 269 19.14 -1.82 29.15
C GLU B 269 19.48 -1.46 30.59
N GLY B 270 19.05 -2.30 31.53
CA GLY B 270 19.34 -2.10 32.93
C GLY B 270 20.83 -2.24 33.21
N GLU B 271 21.48 -3.14 32.47
CA GLU B 271 22.92 -3.40 32.65
C GLU B 271 23.76 -2.24 32.10
N VAL B 272 23.30 -1.63 31.01
CA VAL B 272 24.01 -0.48 30.45
C VAL B 272 23.80 0.75 31.34
N THR B 273 22.55 1.00 31.75
CA THR B 273 22.25 2.09 32.70
C THR B 273 23.08 2.03 33.99
N ASP B 274 23.30 0.82 34.50
CA ASP B 274 24.19 0.62 35.65
C ASP B 274 25.62 1.05 35.29
N ALA B 275 26.13 0.49 34.20
CA ALA B 275 27.48 0.82 33.72
C ALA B 275 27.68 2.33 33.61
N LEU B 276 26.71 3.03 33.03
CA LEU B 276 26.74 4.50 32.94
C LEU B 276 26.67 5.20 34.30
N ARG B 277 25.84 4.69 35.22
CA ARG B 277 25.74 5.27 36.56
C ARG B 277 27.09 5.14 37.25
N GLN B 278 27.72 3.97 37.09
CA GLN B 278 29.05 3.71 37.65
C GLN B 278 30.09 4.64 37.01
N LYS B 279 29.92 4.96 35.73
CA LYS B 279 30.85 5.85 35.01
C LYS B 279 30.54 7.36 35.18
N GLY B 280 29.62 7.69 36.07
CA GLY B 280 29.38 9.09 36.48
C GLY B 280 28.17 9.81 35.86
N MET B 281 27.23 9.05 35.31
CA MET B 281 25.98 9.62 34.82
C MET B 281 25.07 9.85 36.05
N VAL B 282 24.49 11.04 36.14
CA VAL B 282 23.49 11.36 37.16
C VAL B 282 22.10 10.87 36.70
N ILE B 283 21.60 9.81 37.32
CA ILE B 283 20.36 9.14 36.88
C ILE B 283 19.17 9.67 37.68
N VAL B 284 18.26 10.38 37.03
CA VAL B 284 17.11 10.97 37.71
C VAL B 284 15.81 10.20 37.38
N PRO B 285 15.23 9.50 38.38
CA PRO B 285 13.97 8.79 38.12
C PRO B 285 12.81 9.75 37.82
N SER B 286 11.71 9.21 37.29
CA SER B 286 10.54 9.99 36.96
CA SER B 286 10.55 10.00 36.96
C SER B 286 9.50 9.92 38.08
N THR B 287 8.83 11.05 38.34
CA THR B 287 7.77 11.14 39.35
C THR B 287 6.41 11.29 38.67
N PRO B 288 5.36 10.61 39.19
CA PRO B 288 3.99 10.73 38.67
C PRO B 288 3.52 12.16 38.40
N ALA B 289 3.95 13.11 39.24
CA ALA B 289 3.69 14.53 39.02
C ALA B 289 4.34 15.00 37.72
N MET B 290 5.64 14.69 37.57
CA MET B 290 6.41 15.06 36.38
C MET B 290 5.84 14.42 35.12
N GLU B 291 5.53 13.13 35.21
CA GLU B 291 4.91 12.41 34.11
C GLU B 291 3.58 13.05 33.69
N GLN B 292 2.72 13.38 34.65
CA GLN B 292 1.38 13.89 34.29
C GLN B 292 1.42 15.31 33.70
N ALA B 293 2.38 16.12 34.16
CA ALA B 293 2.60 17.47 33.60
C ALA B 293 3.07 17.36 32.15
N ALA B 294 3.97 16.40 31.92
CA ALA B 294 4.47 16.08 30.57
C ALA B 294 3.34 15.57 29.67
N THR B 295 2.48 14.74 30.23
CA THR B 295 1.30 14.25 29.53
C THR B 295 0.36 15.39 29.19
N ASP B 296 0.11 16.28 30.16
CA ASP B 296 -0.78 17.41 29.95
C ASP B 296 -0.32 18.28 28.80
N LEU B 297 0.99 18.41 28.64
CA LEU B 297 1.58 19.15 27.54
C LEU B 297 1.29 18.55 26.15
N VAL B 298 1.26 17.21 26.08
CA VAL B 298 1.15 16.52 24.78
C VAL B 298 -0.19 15.84 24.51
N SER B 299 -1.10 15.89 25.47
CA SER B 299 -2.40 15.24 25.29
C SER B 299 -3.20 15.89 24.17
N GLY B 300 -3.08 17.20 24.01
CA GLY B 300 -3.72 17.88 22.89
C GLY B 300 -3.09 17.44 21.58
N TYR B 301 -1.78 17.29 21.58
CA TYR B 301 -1.06 16.78 20.41
C TYR B 301 -1.51 15.37 20.02
N TRP B 302 -1.73 14.49 20.99
CA TRP B 302 -2.29 13.16 20.64
C TRP B 302 -3.56 13.27 19.81
N GLU B 303 -4.46 14.17 20.23
CA GLU B 303 -5.73 14.37 19.56
C GLU B 303 -5.51 15.00 18.18
N ASP B 304 -4.57 15.94 18.10
CA ASP B 304 -4.24 16.56 16.80
C ASP B 304 -3.64 15.54 15.82
N TRP B 305 -2.74 14.71 16.34
CA TRP B 305 -2.12 13.62 15.59
C TRP B 305 -3.21 12.69 15.05
N ALA B 306 -4.11 12.26 15.91
CA ALA B 306 -5.17 11.36 15.48
C ALA B 306 -6.11 11.98 14.45
N ARG B 307 -6.42 13.22 14.77
CA ARG B 307 -7.24 13.91 13.79
CA ARG B 307 -7.24 13.91 13.81
C ARG B 307 -6.72 14.09 12.25
N GLU B 308 -5.40 14.30 12.33
CA GLU B 308 -4.67 14.27 11.06
C GLU B 308 -4.61 12.91 10.40
N GLN B 309 -4.46 11.87 11.22
CA GLN B 309 -4.35 10.52 10.71
C GLN B 309 -5.67 9.99 10.16
N GLY B 310 -6.78 10.34 10.80
CA GLY B 310 -8.10 10.08 10.23
C GLY B 310 -9.13 9.59 11.23
N PRO B 311 -10.38 9.37 10.76
CA PRO B 311 -11.48 9.03 11.66
C PRO B 311 -11.22 7.79 12.50
N GLU B 312 -10.63 6.75 11.91
CA GLU B 312 -10.32 5.54 12.63
C GLU B 312 -9.36 5.80 13.77
N ALA B 313 -8.32 6.56 13.50
CA ALA B 313 -7.35 6.96 14.55
C ALA B 313 -7.98 7.77 15.68
N VAL B 314 -8.90 8.68 15.35
CA VAL B 314 -9.60 9.44 16.36
C VAL B 314 -10.37 8.48 17.28
N GLN B 315 -11.10 7.54 16.69
CA GLN B 315 -11.86 6.54 17.45
C GLN B 315 -10.95 5.62 18.28
N ALA B 316 -9.88 5.12 17.68
CA ALA B 316 -8.97 4.18 18.35
C ALA B 316 -8.29 4.88 19.49
N LEU B 317 -7.83 6.11 19.27
CA LEU B 317 -7.19 6.85 20.35
C LEU B 317 -8.12 7.03 21.53
N ALA B 318 -9.38 7.37 21.25
CA ALA B 318 -10.36 7.55 22.32
C ALA B 318 -10.54 6.26 23.15
N GLU B 319 -10.59 5.12 22.47
CA GLU B 319 -10.72 3.82 23.13
C GLU B 319 -9.46 3.52 23.92
N VAL B 320 -8.30 3.83 23.37
CA VAL B 320 -7.03 3.60 24.09
C VAL B 320 -6.96 4.45 25.35
N ARG B 321 -7.30 5.72 25.21
CA ARG B 321 -7.25 6.65 26.32
C ARG B 321 -8.22 6.19 27.42
N LYS B 322 -9.37 5.66 27.03
CA LYS B 322 -10.37 5.21 28.00
C LYS B 322 -9.82 4.01 28.78
N ALA B 323 -9.21 3.08 28.05
CA ALA B 323 -8.62 1.89 28.70
C ALA B 323 -7.44 2.22 29.63
N LEU B 324 -6.63 3.23 29.28
CA LEU B 324 -5.43 3.59 30.06
C LEU B 324 -5.69 4.64 31.16
N GLY B 325 -6.80 5.35 31.06
CA GLY B 325 -7.15 6.35 32.06
C GLY B 325 -6.31 7.62 32.00
N ARG B 326 -5.99 8.08 30.79
CA ARG B 326 -5.22 9.30 30.66
C ARG B 326 -5.45 9.99 29.33
C1 GOL C . -4.52 7.67 4.01
O1 GOL C . -4.55 6.55 3.13
C2 GOL C . -4.25 7.19 5.44
O2 GOL C . -4.39 8.28 6.34
C3 GOL C . -2.85 6.60 5.52
O3 GOL C . -1.91 7.46 4.87
#